data_6BA9
#
_entry.id   6BA9
#
_cell.length_a   82.450
_cell.length_b   82.450
_cell.length_c   82.043
_cell.angle_alpha   90.00
_cell.angle_beta   90.00
_cell.angle_gamma   90.00
#
_symmetry.space_group_name_H-M   'P 4 21 2'
#
loop_
_entity.id
_entity.type
_entity.pdbx_description
1 polymer 'Iron aquisition yersiniabactin synthesis enzyme, YbtT'
2 water water
#
_entity_poly.entity_id   1
_entity_poly.type   'polypeptide(L)'
_entity_poly.pdbx_seq_one_letter_code
;AMCIPLWPARNGNTAHLVMCPFAGGSSSAFRHWQAEQLADCALSLVTWPGRDRLRHLEPLRSITQLAALLANELEASVSP
DTPLLLAGHAMGAQVAFETCRLLEQRGLAPQGLIISGCHAPHLHSERQLSHRDDADFIAELIDIGGCSPELRENQELMSL
FLPLLRADFYATESYHYDSPDVCPPLRTPALLLCGSHDREASWQQVDAWRQWLSHVTGPVVIDGDHFYPIQQARSFFTQI
VRHFPHAFSAMTAWQKQPSTSER
;
_entity_poly.pdbx_strand_id   A
#
# COMPACT_ATOMS: atom_id res chain seq x y z
N ALA A 1 7.46 11.04 -12.41
CA ALA A 1 6.41 10.05 -12.19
C ALA A 1 6.59 9.41 -10.82
N MET A 2 5.46 9.02 -10.21
CA MET A 2 5.53 8.28 -8.95
C MET A 2 5.84 6.80 -9.18
N CYS A 3 5.39 6.21 -10.27
CA CYS A 3 5.53 4.77 -10.49
C CYS A 3 6.88 4.45 -11.11
N ILE A 4 7.55 3.43 -10.55
CA ILE A 4 8.77 2.87 -11.12
C ILE A 4 8.51 1.41 -11.49
N PRO A 5 8.97 0.94 -12.64
CA PRO A 5 8.74 -0.46 -13.04
C PRO A 5 9.64 -1.41 -12.29
N LEU A 6 9.06 -2.51 -11.81
CA LEU A 6 9.82 -3.60 -11.19
C LEU A 6 9.86 -4.84 -12.07
N TRP A 7 8.74 -5.23 -12.63
CA TRP A 7 8.68 -6.34 -13.60
C TRP A 7 8.05 -5.86 -14.89
N PRO A 8 8.56 -6.30 -16.03
CA PRO A 8 7.81 -6.14 -17.27
C PRO A 8 6.81 -7.27 -17.40
N ALA A 9 5.76 -7.04 -18.18
CA ALA A 9 4.84 -8.11 -18.47
C ALA A 9 5.58 -9.20 -19.23
N ARG A 10 5.15 -10.44 -19.03
CA ARG A 10 5.73 -11.54 -19.80
C ARG A 10 4.64 -12.52 -20.21
N ASN A 11 5.03 -13.43 -21.10
CA ASN A 11 4.19 -14.52 -21.55
C ASN A 11 2.90 -14.02 -22.21
N GLY A 12 2.95 -12.84 -22.83
CA GLY A 12 1.80 -12.25 -23.47
C GLY A 12 0.77 -11.63 -22.53
N ASN A 13 1.03 -11.64 -21.22
CA ASN A 13 0.06 -11.08 -20.27
C ASN A 13 -0.05 -9.58 -20.48
N THR A 14 -1.25 -9.05 -20.24
CA THR A 14 -1.51 -7.62 -20.45
C THR A 14 -1.83 -6.87 -19.16
N ALA A 15 -1.91 -7.57 -18.03
CA ALA A 15 -2.28 -6.91 -16.79
C ALA A 15 -1.10 -6.10 -16.24
N HIS A 16 -1.45 -5.08 -15.44
CA HIS A 16 -0.48 -4.21 -14.79
C HIS A 16 -0.89 -4.05 -13.34
N LEU A 17 -0.04 -4.55 -12.44
CA LEU A 17 -0.25 -4.45 -11.00
C LEU A 17 0.61 -3.30 -10.46
N VAL A 18 -0.03 -2.36 -9.76
CA VAL A 18 0.61 -1.18 -9.19
C VAL A 18 0.52 -1.28 -7.67
N MET A 19 1.69 -1.30 -7.02
CA MET A 19 1.78 -1.52 -5.59
C MET A 19 2.12 -0.23 -4.85
N CYS A 20 1.32 0.09 -3.83
CA CYS A 20 1.54 1.22 -2.94
C CYS A 20 2.24 0.74 -1.66
N PRO A 21 3.36 1.34 -1.28
CA PRO A 21 4.13 0.83 -0.15
C PRO A 21 3.59 1.28 1.21
N PHE A 22 4.14 0.66 2.26
CA PHE A 22 3.86 1.03 3.63
C PHE A 22 4.57 2.34 4.01
N ALA A 23 4.21 2.87 5.16
CA ALA A 23 4.83 4.11 5.66
C ALA A 23 6.32 3.86 5.89
N GLY A 24 7.13 4.82 5.44
CA GLY A 24 8.56 4.65 5.45
C GLY A 24 9.08 3.79 4.33
N GLY A 25 8.20 3.25 3.49
CA GLY A 25 8.66 2.41 2.40
C GLY A 25 9.36 3.21 1.31
N SER A 26 10.18 2.49 0.54
CA SER A 26 10.92 3.05 -0.59
C SER A 26 11.36 1.88 -1.44
N SER A 27 11.99 2.17 -2.58
CA SER A 27 12.28 1.09 -3.52
C SER A 27 13.18 0.02 -2.91
N SER A 28 14.13 0.40 -2.04
CA SER A 28 15.04 -0.60 -1.51
C SER A 28 14.32 -1.68 -0.71
N ALA A 29 13.18 -1.33 -0.08
CA ALA A 29 12.45 -2.31 0.71
C ALA A 29 11.87 -3.43 -0.15
N PHE A 30 11.73 -3.21 -1.46
CA PHE A 30 11.10 -4.15 -2.38
C PHE A 30 12.10 -4.80 -3.32
N ARG A 31 13.40 -4.72 -3.00
CA ARG A 31 14.41 -5.30 -3.87
C ARG A 31 14.21 -6.81 -4.05
N HIS A 32 13.75 -7.51 -3.01
CA HIS A 32 13.53 -8.94 -3.12
C HIS A 32 12.52 -9.27 -4.23
N TRP A 33 11.54 -8.40 -4.44
CA TRP A 33 10.61 -8.62 -5.55
C TRP A 33 11.31 -8.54 -6.90
N GLN A 34 12.36 -7.73 -7.01
CA GLN A 34 13.11 -7.68 -8.26
C GLN A 34 14.00 -8.89 -8.48
N ALA A 35 14.32 -9.64 -7.42
CA ALA A 35 15.15 -10.81 -7.59
C ALA A 35 14.50 -11.86 -8.47
N GLU A 36 13.17 -11.82 -8.60
CA GLU A 36 12.47 -12.90 -9.28
C GLU A 36 11.03 -12.53 -9.59
N GLN A 37 10.62 -12.65 -10.85
CA GLN A 37 9.26 -12.36 -11.26
C GLN A 37 8.34 -13.51 -10.86
N LEU A 38 7.33 -13.23 -10.04
CA LEU A 38 6.47 -14.25 -9.47
C LEU A 38 5.09 -14.35 -10.11
N ALA A 39 4.79 -13.50 -11.08
CA ALA A 39 3.55 -13.56 -11.85
C ALA A 39 3.82 -12.84 -13.15
N ASP A 40 2.97 -13.09 -14.16
CA ASP A 40 3.27 -12.63 -15.51
C ASP A 40 2.86 -11.16 -15.80
N CYS A 41 2.14 -10.52 -14.88
CA CYS A 41 1.74 -9.14 -15.09
C CYS A 41 2.97 -8.24 -15.00
N ALA A 42 2.87 -7.07 -15.64
CA ALA A 42 3.77 -5.97 -15.30
C ALA A 42 3.51 -5.60 -13.85
N LEU A 43 4.57 -5.15 -13.17
CA LEU A 43 4.51 -4.74 -11.78
C LEU A 43 5.26 -3.42 -11.63
N SER A 44 4.60 -2.44 -11.05
CA SER A 44 5.22 -1.16 -10.74
C SER A 44 5.03 -0.85 -9.26
N LEU A 45 5.97 -0.08 -8.72
CA LEU A 45 5.96 0.36 -7.33
C LEU A 45 5.77 1.87 -7.31
N VAL A 46 4.90 2.34 -6.42
CA VAL A 46 4.64 3.76 -6.24
C VAL A 46 5.66 4.34 -5.26
N THR A 47 6.26 5.47 -5.62
CA THR A 47 7.19 6.19 -4.75
C THR A 47 6.47 7.34 -4.08
N TRP A 48 6.53 7.41 -2.75
CA TRP A 48 6.03 8.58 -2.05
C TRP A 48 6.99 9.76 -2.24
N PRO A 49 6.48 10.95 -2.56
CA PRO A 49 7.37 12.11 -2.67
C PRO A 49 8.28 12.25 -1.46
N GLY A 50 9.50 12.67 -1.73
CA GLY A 50 10.50 12.95 -0.72
C GLY A 50 11.66 11.98 -0.68
N ARG A 51 11.65 10.93 -1.51
CA ARG A 51 12.71 9.94 -1.48
C ARG A 51 12.89 9.39 -2.88
N ASP A 52 13.94 8.59 -3.04
CA ASP A 52 14.26 7.91 -4.32
C ASP A 52 14.34 8.98 -5.41
N ARG A 53 13.74 8.79 -6.57
CA ARG A 53 13.83 9.80 -7.65
C ARG A 53 13.06 11.07 -7.32
N LEU A 54 12.27 11.07 -6.24
CA LEU A 54 11.46 12.20 -5.83
C LEU A 54 12.01 12.88 -4.59
N ARG A 55 13.31 12.72 -4.35
CA ARG A 55 13.96 13.33 -3.18
C ARG A 55 13.81 14.85 -3.17
N HIS A 56 13.73 15.48 -4.34
CA HIS A 56 13.64 16.93 -4.42
C HIS A 56 12.29 17.48 -3.97
N LEU A 57 11.29 16.63 -3.77
CA LEU A 57 9.95 17.07 -3.37
C LEU A 57 9.80 16.98 -1.86
N GLU A 58 8.99 17.87 -1.29
CA GLU A 58 8.64 17.69 0.12
C GLU A 58 7.67 16.53 0.26
N PRO A 59 7.78 15.74 1.32
CA PRO A 59 6.82 14.66 1.51
C PRO A 59 5.43 15.21 1.81
N LEU A 60 4.43 14.48 1.31
CA LEU A 60 3.04 14.83 1.57
C LEU A 60 2.56 14.26 2.90
N ARG A 61 1.55 14.91 3.45
CA ARG A 61 1.00 14.60 4.77
C ARG A 61 -0.47 14.20 4.71
N SER A 62 -0.95 13.79 3.51
CA SER A 62 -2.34 13.44 3.28
C SER A 62 -2.44 12.24 2.35
N ILE A 63 -3.19 11.22 2.79
CA ILE A 63 -3.49 10.05 1.95
C ILE A 63 -4.25 10.47 0.69
N THR A 64 -5.25 11.33 0.83
CA THR A 64 -6.06 11.68 -0.33
C THR A 64 -5.24 12.49 -1.35
N GLN A 65 -4.29 13.31 -0.89
CA GLN A 65 -3.41 14.02 -1.82
C GLN A 65 -2.52 13.06 -2.59
N LEU A 66 -1.95 12.07 -1.92
CA LEU A 66 -1.17 11.05 -2.60
C LEU A 66 -2.02 10.31 -3.64
N ALA A 67 -3.25 9.97 -3.27
CA ALA A 67 -4.15 9.25 -4.16
C ALA A 67 -4.52 10.08 -5.38
N ALA A 68 -4.70 11.39 -5.20
CA ALA A 68 -5.01 12.24 -6.34
C ALA A 68 -3.85 12.27 -7.33
N LEU A 69 -2.63 12.40 -6.83
CA LEU A 69 -1.46 12.37 -7.71
C LEU A 69 -1.38 11.04 -8.45
N LEU A 70 -1.58 9.94 -7.74
CA LEU A 70 -1.47 8.64 -8.36
C LEU A 70 -2.58 8.39 -9.36
N ALA A 71 -3.82 8.74 -9.02
CA ALA A 71 -4.92 8.51 -9.96
C ALA A 71 -4.72 9.30 -11.23
N ASN A 72 -4.27 10.55 -11.11
CA ASN A 72 -4.02 11.35 -12.31
C ASN A 72 -2.93 10.73 -13.16
N GLU A 73 -1.86 10.26 -12.52
CA GLU A 73 -0.78 9.63 -13.27
C GLU A 73 -1.25 8.38 -13.99
N LEU A 74 -2.03 7.54 -13.32
CA LEU A 74 -2.51 6.32 -13.93
C LEU A 74 -3.50 6.61 -15.05
N GLU A 75 -4.40 7.57 -14.86
CA GLU A 75 -5.32 7.94 -15.92
C GLU A 75 -4.59 8.38 -17.18
N ALA A 76 -3.46 9.08 -17.00
CA ALA A 76 -2.67 9.60 -18.12
C ALA A 76 -1.84 8.52 -18.79
N SER A 77 -1.42 7.49 -18.05
CA SER A 77 -0.39 6.58 -18.53
C SER A 77 -0.86 5.15 -18.77
N VAL A 78 -2.03 4.74 -18.26
CA VAL A 78 -2.49 3.37 -18.41
C VAL A 78 -3.56 3.34 -19.48
N SER A 79 -3.37 2.50 -20.50
CA SER A 79 -4.35 2.38 -21.55
C SER A 79 -5.67 1.85 -20.97
N PRO A 80 -6.81 2.36 -21.43
CA PRO A 80 -8.08 1.78 -20.95
C PRO A 80 -8.25 0.31 -21.29
N ASP A 81 -7.45 -0.23 -22.19
CA ASP A 81 -7.49 -1.65 -22.53
C ASP A 81 -6.58 -2.49 -21.65
N THR A 82 -5.77 -1.88 -20.78
CA THR A 82 -4.90 -2.63 -19.88
C THR A 82 -5.67 -2.98 -18.62
N PRO A 83 -5.77 -4.26 -18.22
CA PRO A 83 -6.35 -4.59 -16.92
C PRO A 83 -5.46 -4.08 -15.79
N LEU A 84 -5.97 -3.14 -15.01
CA LEU A 84 -5.21 -2.51 -13.94
C LEU A 84 -5.62 -3.10 -12.61
N LEU A 85 -4.63 -3.54 -11.84
CA LEU A 85 -4.80 -3.99 -10.46
C LEU A 85 -4.08 -3.04 -9.53
N LEU A 86 -4.78 -2.51 -8.54
CA LEU A 86 -4.18 -1.63 -7.53
C LEU A 86 -4.03 -2.39 -6.23
N ALA A 87 -2.85 -2.35 -5.63
CA ALA A 87 -2.58 -3.04 -4.38
C ALA A 87 -1.86 -2.09 -3.42
N GLY A 88 -2.04 -2.32 -2.13
CA GLY A 88 -1.28 -1.58 -1.13
C GLY A 88 -1.24 -2.32 0.18
N HIS A 89 -0.16 -2.12 0.93
CA HIS A 89 0.03 -2.72 2.25
C HIS A 89 0.13 -1.61 3.30
N ALA A 90 -0.63 -1.76 4.37
CA ALA A 90 -0.63 -0.81 5.50
C ALA A 90 -0.99 0.57 4.96
N MET A 91 -0.18 1.60 5.15
CA MET A 91 -0.50 2.92 4.60
C MET A 91 -0.84 2.82 3.11
N GLY A 92 -0.11 1.97 2.38
CA GLY A 92 -0.33 1.86 0.96
C GLY A 92 -1.73 1.37 0.61
N ALA A 93 -2.34 0.58 1.49
CA ALA A 93 -3.72 0.15 1.22
C ALA A 93 -4.67 1.34 1.23
N GLN A 94 -4.43 2.32 2.10
CA GLN A 94 -5.28 3.50 2.16
C GLN A 94 -5.15 4.30 0.87
N VAL A 95 -3.93 4.47 0.39
CA VAL A 95 -3.71 5.18 -0.87
C VAL A 95 -4.32 4.41 -2.04
N ALA A 96 -4.14 3.10 -2.07
CA ALA A 96 -4.69 2.28 -3.14
C ALA A 96 -6.20 2.38 -3.17
N PHE A 97 -6.83 2.31 -1.99
CA PHE A 97 -8.28 2.45 -1.90
C PHE A 97 -8.75 3.81 -2.43
N GLU A 98 -8.13 4.90 -1.96
CA GLU A 98 -8.55 6.23 -2.39
C GLU A 98 -8.25 6.47 -3.87
N THR A 99 -7.18 5.89 -4.38
CA THR A 99 -6.88 5.95 -5.81
C THR A 99 -7.96 5.21 -6.61
N CYS A 100 -8.33 4.03 -6.13
CA CYS A 100 -9.35 3.23 -6.79
C CYS A 100 -10.67 3.97 -6.80
N ARG A 101 -10.98 4.66 -5.70
CA ARG A 101 -12.20 5.47 -5.62
C ARG A 101 -12.23 6.50 -6.75
N LEU A 102 -11.13 7.22 -6.94
CA LEU A 102 -11.10 8.25 -7.99
C LEU A 102 -11.22 7.62 -9.37
N LEU A 103 -10.52 6.52 -9.64
CA LEU A 103 -10.54 5.91 -10.96
C LEU A 103 -11.91 5.34 -11.28
N GLU A 104 -12.54 4.70 -10.30
CA GLU A 104 -13.88 4.15 -10.49
C GLU A 104 -14.87 5.27 -10.78
N GLN A 105 -14.80 6.37 -10.02
CA GLN A 105 -15.70 7.51 -10.22
C GLN A 105 -15.53 8.11 -11.61
N ARG A 106 -14.30 8.13 -12.12
CA ARG A 106 -14.04 8.68 -13.44
C ARG A 106 -14.44 7.75 -14.58
N GLY A 107 -14.96 6.56 -14.28
CA GLY A 107 -15.36 5.62 -15.31
C GLY A 107 -14.23 4.78 -15.87
N LEU A 108 -13.15 4.61 -15.13
CA LEU A 108 -11.97 3.97 -15.69
C LEU A 108 -11.85 2.49 -15.33
N ALA A 109 -12.68 2.02 -14.41
CA ALA A 109 -12.92 0.59 -14.24
C ALA A 109 -11.62 -0.15 -13.94
N PRO A 110 -10.94 0.13 -12.84
CA PRO A 110 -9.86 -0.78 -12.41
C PRO A 110 -10.41 -2.20 -12.29
N GLN A 111 -9.58 -3.19 -12.58
CA GLN A 111 -10.04 -4.58 -12.56
C GLN A 111 -9.95 -5.23 -11.18
N GLY A 112 -9.20 -4.66 -10.26
CA GLY A 112 -9.08 -5.27 -8.97
C GLY A 112 -8.39 -4.35 -8.00
N LEU A 113 -8.72 -4.49 -6.72
CA LEU A 113 -8.14 -3.75 -5.60
C LEU A 113 -7.72 -4.76 -4.53
N ILE A 114 -6.46 -4.70 -4.11
CA ILE A 114 -5.91 -5.57 -3.09
C ILE A 114 -5.53 -4.72 -1.87
N ILE A 115 -6.24 -4.93 -0.76
CA ILE A 115 -6.04 -4.23 0.50
C ILE A 115 -5.35 -5.22 1.43
N SER A 116 -4.13 -4.91 1.84
CA SER A 116 -3.32 -5.82 2.65
C SER A 116 -2.90 -5.15 3.96
N GLY A 117 -3.06 -5.88 5.07
CA GLY A 117 -2.44 -5.48 6.32
C GLY A 117 -2.73 -4.07 6.78
N CYS A 118 -4.01 -3.67 6.74
CA CYS A 118 -4.41 -2.30 7.08
C CYS A 118 -5.78 -2.33 7.71
N HIS A 119 -5.94 -1.56 8.80
CA HIS A 119 -7.26 -1.36 9.37
C HIS A 119 -8.14 -0.55 8.42
N ALA A 120 -9.45 -0.70 8.57
CA ALA A 120 -10.41 -0.04 7.70
C ALA A 120 -10.49 1.46 7.98
N PRO A 121 -11.00 2.25 7.02
CA PRO A 121 -10.94 3.73 7.17
C PRO A 121 -11.82 4.33 8.26
N HIS A 122 -12.77 3.60 8.84
CA HIS A 122 -13.51 4.11 9.98
C HIS A 122 -12.88 3.71 11.31
N LEU A 123 -11.73 3.06 11.28
CA LEU A 123 -11.00 2.63 12.46
C LEU A 123 -9.68 3.38 12.57
N HIS A 124 -9.00 3.18 13.69
CA HIS A 124 -7.63 3.63 13.89
C HIS A 124 -6.73 2.43 14.13
N SER A 125 -5.46 2.58 13.75
CA SER A 125 -4.46 1.56 14.07
C SER A 125 -4.33 1.42 15.59
N GLU A 126 -4.09 0.19 16.04
CA GLU A 126 -3.88 0.02 17.47
C GLU A 126 -2.57 0.67 17.94
N ARG A 127 -1.55 0.71 17.07
CA ARG A 127 -0.29 1.39 17.37
C ARG A 127 -0.29 2.75 16.69
N GLN A 128 0.06 3.78 17.45
CA GLN A 128 0.06 5.15 16.98
C GLN A 128 1.39 5.79 17.34
N LEU A 129 2.00 6.48 16.37
CA LEU A 129 3.34 7.06 16.50
C LEU A 129 3.39 8.59 16.50
N SER A 130 2.44 9.27 15.84
CA SER A 130 2.65 10.66 15.48
C SER A 130 2.74 11.59 16.67
N HIS A 131 2.15 11.22 17.80
CA HIS A 131 2.14 12.07 18.98
C HIS A 131 3.39 11.88 19.83
N ARG A 132 4.34 11.06 19.42
CA ARG A 132 5.48 10.69 20.23
C ARG A 132 6.71 11.53 19.89
N ASP A 133 7.55 11.74 20.90
CA ASP A 133 8.83 12.39 20.67
C ASP A 133 9.77 11.47 19.90
N ASP A 134 10.92 12.00 19.47
CA ASP A 134 11.77 11.30 18.53
C ASP A 134 12.19 9.94 19.07
N ALA A 135 12.61 9.88 20.34
CA ALA A 135 13.09 8.62 20.86
C ALA A 135 11.98 7.58 20.91
N ASP A 136 10.80 7.99 21.36
CA ASP A 136 9.67 7.06 21.47
C ASP A 136 9.17 6.67 20.08
N PHE A 137 9.15 7.62 19.15
CA PHE A 137 8.79 7.34 17.76
C PHE A 137 9.70 6.25 17.18
N ILE A 138 11.02 6.41 17.36
CA ILE A 138 11.98 5.43 16.86
C ILE A 138 11.79 4.07 17.53
N ALA A 139 11.53 4.05 18.84
CA ALA A 139 11.32 2.77 19.50
C ALA A 139 10.13 2.04 18.91
N GLU A 140 9.05 2.77 18.60
CA GLU A 140 7.90 2.14 17.94
C GLU A 140 8.27 1.61 16.56
N LEU A 141 9.03 2.39 15.78
CA LEU A 141 9.45 1.93 14.46
C LEU A 141 10.27 0.66 14.55
N ILE A 142 11.21 0.60 15.49
CA ILE A 142 12.03 -0.59 15.62
C ILE A 142 11.16 -1.77 15.99
N ASP A 143 10.20 -1.57 16.91
CA ASP A 143 9.28 -2.63 17.28
C ASP A 143 8.48 -3.14 16.09
N ILE A 144 8.02 -2.25 15.22
CA ILE A 144 7.29 -2.69 14.02
C ILE A 144 8.13 -3.67 13.23
N GLY A 145 9.42 -3.37 13.08
CA GLY A 145 10.36 -4.34 12.52
C GLY A 145 11.11 -3.91 11.27
N GLY A 146 10.91 -2.71 10.75
CA GLY A 146 11.62 -2.31 9.55
C GLY A 146 12.61 -1.18 9.77
N CYS A 147 13.21 -1.09 10.95
CA CYS A 147 14.10 0.03 11.26
C CYS A 147 15.20 -0.44 12.20
N SER A 148 16.44 -0.03 11.90
CA SER A 148 17.58 -0.45 12.71
C SER A 148 17.75 0.46 13.93
N PRO A 149 18.15 -0.09 15.08
CA PRO A 149 18.53 0.78 16.21
C PRO A 149 19.71 1.70 15.92
N GLU A 150 20.48 1.45 14.86
CA GLU A 150 21.51 2.40 14.45
C GLU A 150 20.96 3.79 14.18
N LEU A 151 19.68 3.90 13.84
CA LEU A 151 19.09 5.23 13.61
C LEU A 151 19.26 6.14 14.83
N ARG A 152 19.15 5.58 16.04
CA ARG A 152 19.21 6.37 17.27
C ARG A 152 20.57 7.00 17.53
N GLU A 153 21.65 6.40 17.03
CA GLU A 153 22.99 6.81 17.39
C GLU A 153 23.56 7.84 16.45
N ASN A 154 22.80 8.27 15.45
CA ASN A 154 23.32 9.16 14.42
C ASN A 154 22.29 10.26 14.21
N GLN A 155 22.56 11.44 14.77
CA GLN A 155 21.61 12.53 14.67
C GLN A 155 21.43 12.97 13.23
N GLU A 156 22.41 12.70 12.35
CA GLU A 156 22.22 13.04 10.93
C GLU A 156 21.25 12.10 10.25
N LEU A 157 21.31 10.80 10.58
CA LEU A 157 20.29 9.89 10.06
C LEU A 157 18.92 10.26 10.60
N MET A 158 18.85 10.70 11.86
CA MET A 158 17.56 11.08 12.42
C MET A 158 17.02 12.32 11.72
N SER A 159 17.89 13.31 11.48
CA SER A 159 17.46 14.54 10.82
C SER A 159 17.02 14.29 9.38
N LEU A 160 17.54 13.25 8.72
CA LEU A 160 17.08 12.88 7.38
C LEU A 160 15.82 12.03 7.42
N PHE A 161 15.83 10.94 8.19
CA PHE A 161 14.74 9.97 8.12
C PHE A 161 13.50 10.44 8.87
N LEU A 162 13.66 11.12 10.01
CA LEU A 162 12.47 11.45 10.79
C LEU A 162 11.51 12.37 10.07
N PRO A 163 11.94 13.40 9.33
CA PRO A 163 10.95 14.19 8.60
C PRO A 163 10.15 13.35 7.60
N LEU A 164 10.80 12.39 6.96
CA LEU A 164 10.12 11.53 5.99
C LEU A 164 9.16 10.59 6.68
N LEU A 165 9.65 9.88 7.71
CA LEU A 165 8.81 8.92 8.41
C LEU A 165 7.67 9.61 9.14
N ARG A 166 7.93 10.77 9.77
CA ARG A 166 6.86 11.48 10.46
C ARG A 166 5.80 11.99 9.48
N ALA A 167 6.20 12.41 8.28
CA ALA A 167 5.21 12.80 7.28
C ALA A 167 4.33 11.62 6.91
N ASP A 168 4.95 10.47 6.63
CA ASP A 168 4.20 9.28 6.23
C ASP A 168 3.25 8.85 7.36
N PHE A 169 3.79 8.76 8.59
CA PHE A 169 2.96 8.30 9.70
C PHE A 169 1.87 9.30 10.07
N TYR A 170 2.14 10.60 9.93
CA TYR A 170 1.08 11.58 10.12
C TYR A 170 -0.03 11.39 9.08
N ALA A 171 0.35 11.18 7.82
CA ALA A 171 -0.67 10.94 6.79
C ALA A 171 -1.52 9.74 7.13
N THR A 172 -0.88 8.63 7.48
CA THR A 172 -1.63 7.41 7.64
C THR A 172 -2.48 7.41 8.91
N GLU A 173 -2.02 8.09 9.98
CA GLU A 173 -2.78 8.11 11.22
C GLU A 173 -3.91 9.14 11.20
N SER A 174 -3.74 10.24 10.47
CA SER A 174 -4.77 11.26 10.40
C SER A 174 -5.88 10.90 9.43
N TYR A 175 -5.69 9.84 8.65
CA TYR A 175 -6.69 9.35 7.70
C TYR A 175 -7.74 8.56 8.44
N HIS A 176 -8.97 9.07 8.44
CA HIS A 176 -10.04 8.46 9.21
C HIS A 176 -11.34 9.13 8.81
N TYR A 177 -12.39 8.31 8.69
CA TYR A 177 -13.73 8.77 8.45
C TYR A 177 -14.63 8.39 9.63
N ASP A 178 -15.64 9.21 9.90
CA ASP A 178 -16.49 8.91 11.05
C ASP A 178 -17.30 7.64 10.84
N SER A 179 -17.70 7.36 9.61
CA SER A 179 -18.50 6.17 9.34
C SER A 179 -18.37 5.79 7.88
N PRO A 180 -18.59 4.52 7.53
CA PRO A 180 -18.55 4.09 6.12
C PRO A 180 -19.57 4.77 5.24
N ASP A 181 -20.61 5.38 5.79
CA ASP A 181 -21.62 5.98 4.93
C ASP A 181 -21.24 7.36 4.42
N VAL A 182 -20.04 7.84 4.75
CA VAL A 182 -19.55 9.10 4.23
C VAL A 182 -19.43 9.09 2.71
N CYS A 183 -19.27 7.92 2.09
CA CYS A 183 -19.33 7.88 0.63
C CYS A 183 -19.85 6.52 0.19
N PRO A 184 -20.17 6.38 -1.09
CA PRO A 184 -20.65 5.10 -1.59
C PRO A 184 -19.59 4.04 -1.49
N PRO A 185 -19.96 2.77 -1.34
CA PRO A 185 -18.99 1.70 -1.36
C PRO A 185 -18.38 1.57 -2.75
N LEU A 186 -17.17 1.04 -2.79
CA LEU A 186 -16.51 0.82 -4.05
C LEU A 186 -17.00 -0.47 -4.67
N ARG A 187 -17.19 -0.47 -5.98
CA ARG A 187 -17.65 -1.64 -6.71
C ARG A 187 -16.54 -2.43 -7.38
N THR A 188 -15.33 -1.89 -7.44
CA THR A 188 -14.22 -2.66 -7.98
C THR A 188 -14.04 -3.94 -7.18
N PRO A 189 -13.88 -5.09 -7.82
CA PRO A 189 -13.66 -6.33 -7.07
C PRO A 189 -12.40 -6.23 -6.22
N ALA A 190 -12.51 -6.68 -4.98
CA ALA A 190 -11.52 -6.43 -3.95
C ALA A 190 -11.14 -7.72 -3.23
N LEU A 191 -9.86 -7.78 -2.86
CA LEU A 191 -9.30 -8.86 -2.07
C LEU A 191 -8.67 -8.27 -0.82
N LEU A 192 -9.00 -8.84 0.33
CA LEU A 192 -8.44 -8.45 1.61
C LEU A 192 -7.44 -9.50 2.05
N LEU A 193 -6.22 -9.05 2.39
CA LEU A 193 -5.16 -9.90 2.89
C LEU A 193 -4.77 -9.45 4.29
N CYS A 194 -4.46 -10.42 5.14
CA CYS A 194 -3.89 -10.15 6.45
C CYS A 194 -2.85 -11.21 6.76
N GLY A 195 -2.05 -10.94 7.78
CA GLY A 195 -0.98 -11.83 8.19
C GLY A 195 -1.31 -12.59 9.46
N SER A 196 -0.97 -13.88 9.46
CA SER A 196 -1.30 -14.74 10.60
C SER A 196 -0.75 -14.18 11.91
N HIS A 197 0.44 -13.60 11.85
CA HIS A 197 1.13 -13.07 13.02
C HIS A 197 1.53 -11.62 12.81
N ASP A 198 0.70 -10.87 12.08
CA ASP A 198 0.93 -9.45 11.83
C ASP A 198 0.47 -8.67 13.04
N ARG A 199 1.43 -8.17 13.84
CA ARG A 199 1.09 -7.46 15.07
C ARG A 199 0.51 -6.07 14.82
N GLU A 200 0.56 -5.57 13.58
CA GLU A 200 0.07 -4.24 13.27
C GLU A 200 -1.36 -4.20 12.77
N ALA A 201 -1.89 -5.30 12.25
CA ALA A 201 -3.25 -5.29 11.69
C ALA A 201 -3.86 -6.66 11.89
N SER A 202 -4.76 -6.73 12.85
CA SER A 202 -5.43 -7.98 13.15
C SER A 202 -6.44 -8.35 12.07
N TRP A 203 -6.88 -9.61 12.11
CA TRP A 203 -7.93 -10.06 11.22
C TRP A 203 -9.15 -9.16 11.32
N GLN A 204 -9.56 -8.84 12.55
CA GLN A 204 -10.75 -8.02 12.79
C GLN A 204 -10.59 -6.63 12.19
N GLN A 205 -9.40 -6.04 12.32
CA GLN A 205 -9.16 -4.71 11.76
C GLN A 205 -9.25 -4.72 10.23
N VAL A 206 -8.77 -5.78 9.59
CA VAL A 206 -8.82 -5.89 8.14
C VAL A 206 -10.23 -6.25 7.67
N ASP A 207 -10.91 -7.15 8.38
CA ASP A 207 -12.24 -7.59 8.00
C ASP A 207 -13.21 -6.42 7.93
N ALA A 208 -13.01 -5.39 8.75
CA ALA A 208 -13.87 -4.21 8.77
C ALA A 208 -13.89 -3.46 7.44
N TRP A 209 -12.96 -3.76 6.55
CA TRP A 209 -13.02 -3.15 5.22
C TRP A 209 -14.28 -3.54 4.46
N ARG A 210 -14.95 -4.63 4.86
CA ARG A 210 -16.16 -5.03 4.16
C ARG A 210 -17.25 -3.97 4.26
N GLN A 211 -17.13 -3.02 5.19
CA GLN A 211 -18.08 -1.92 5.27
C GLN A 211 -17.98 -1.00 4.06
N TRP A 212 -16.86 -1.03 3.35
CA TRP A 212 -16.52 -0.05 2.31
C TRP A 212 -16.52 -0.63 0.90
N LEU A 213 -16.76 -1.93 0.74
CA LEU A 213 -16.47 -2.64 -0.49
C LEU A 213 -17.64 -3.55 -0.83
N SER A 214 -18.28 -3.31 -1.98
CA SER A 214 -19.46 -4.08 -2.37
C SER A 214 -19.15 -5.49 -2.88
N HIS A 215 -17.95 -5.73 -3.40
CA HIS A 215 -17.60 -6.99 -4.06
C HIS A 215 -16.24 -7.39 -3.51
N VAL A 216 -16.22 -8.17 -2.44
CA VAL A 216 -15.00 -8.36 -1.66
C VAL A 216 -14.88 -9.81 -1.22
N THR A 217 -13.66 -10.31 -1.25
CA THR A 217 -13.29 -11.64 -0.79
C THR A 217 -12.24 -11.48 0.29
N GLY A 218 -12.36 -12.27 1.34
CA GLY A 218 -11.38 -12.28 2.42
C GLY A 218 -11.94 -11.78 3.74
N PRO A 219 -11.07 -11.57 4.75
CA PRO A 219 -9.61 -11.69 4.65
C PRO A 219 -9.10 -13.09 4.35
N VAL A 220 -8.11 -13.14 3.48
CA VAL A 220 -7.32 -14.33 3.23
C VAL A 220 -6.03 -14.16 4.02
N VAL A 221 -5.71 -15.17 4.84
CA VAL A 221 -4.59 -15.10 5.78
C VAL A 221 -3.34 -15.64 5.10
N ILE A 222 -2.30 -14.82 5.08
CA ILE A 222 -0.96 -15.23 4.67
C ILE A 222 -0.15 -15.49 5.93
N ASP A 223 0.51 -16.64 5.99
CA ASP A 223 1.32 -16.95 7.17
C ASP A 223 2.57 -16.07 7.18
N GLY A 224 2.72 -15.25 8.20
CA GLY A 224 3.83 -14.33 8.29
C GLY A 224 3.55 -13.21 9.26
N ASP A 225 4.53 -12.31 9.39
CA ASP A 225 4.41 -11.13 10.22
C ASP A 225 4.04 -9.93 9.33
N HIS A 226 4.17 -8.72 9.86
CA HIS A 226 3.71 -7.53 9.14
C HIS A 226 4.38 -7.37 7.77
N PHE A 227 5.57 -7.93 7.58
CA PHE A 227 6.26 -7.78 6.32
C PHE A 227 6.06 -8.97 5.37
N TYR A 228 4.97 -9.70 5.55
CA TYR A 228 4.65 -10.84 4.69
C TYR A 228 4.65 -10.51 3.19
N PRO A 229 4.30 -9.29 2.72
CA PRO A 229 4.34 -9.11 1.25
C PRO A 229 5.72 -9.31 0.66
N ILE A 230 6.75 -9.00 1.43
CA ILE A 230 8.14 -9.13 1.01
C ILE A 230 8.72 -10.47 1.44
N GLN A 231 8.58 -10.81 2.72
CA GLN A 231 9.17 -12.02 3.26
C GLN A 231 8.44 -13.29 2.78
N GLN A 232 7.16 -13.18 2.45
CA GLN A 232 6.36 -14.28 1.93
C GLN A 232 5.79 -13.87 0.57
N ALA A 233 6.65 -13.33 -0.28
CA ALA A 233 6.24 -12.83 -1.59
C ALA A 233 5.50 -13.90 -2.41
N ARG A 234 5.98 -15.15 -2.35
CA ARG A 234 5.34 -16.20 -3.15
C ARG A 234 3.87 -16.36 -2.74
N SER A 235 3.59 -16.38 -1.43
CA SER A 235 2.21 -16.49 -0.97
C SER A 235 1.40 -15.24 -1.36
N PHE A 236 1.99 -14.06 -1.20
CA PHE A 236 1.32 -12.80 -1.52
C PHE A 236 0.87 -12.77 -2.97
N PHE A 237 1.80 -13.02 -3.90
CA PHE A 237 1.43 -12.99 -5.31
C PHE A 237 0.51 -14.15 -5.69
N THR A 238 0.67 -15.33 -5.09
CA THR A 238 -0.25 -16.42 -5.35
C THR A 238 -1.69 -16.01 -5.08
N GLN A 239 -1.92 -15.36 -3.93
CA GLN A 239 -3.30 -15.02 -3.59
C GLN A 239 -3.84 -13.94 -4.51
N ILE A 240 -3.01 -12.99 -4.92
CA ILE A 240 -3.46 -11.99 -5.88
C ILE A 240 -3.87 -12.65 -7.19
N VAL A 241 -2.99 -13.46 -7.76
CA VAL A 241 -3.30 -14.03 -9.08
C VAL A 241 -4.55 -14.91 -9.01
N ARG A 242 -4.65 -15.75 -7.97
CA ARG A 242 -5.78 -16.68 -7.82
C ARG A 242 -7.11 -15.96 -7.81
N HIS A 243 -7.15 -14.76 -7.24
CA HIS A 243 -8.41 -14.06 -7.03
C HIS A 243 -8.84 -13.13 -8.16
N PHE A 244 -7.99 -12.88 -9.15
CA PHE A 244 -8.33 -12.01 -10.28
C PHE A 244 -8.05 -12.73 -11.59
N PRO A 245 -8.66 -13.89 -11.80
CA PRO A 245 -8.36 -14.66 -13.03
C PRO A 245 -8.75 -13.93 -14.29
N HIS A 246 -9.80 -13.11 -14.24
CA HIS A 246 -10.17 -12.30 -15.40
C HIS A 246 -9.01 -11.41 -15.83
N ALA A 247 -8.39 -10.73 -14.87
CA ALA A 247 -7.35 -9.76 -15.20
C ALA A 247 -6.13 -10.43 -15.80
N PHE A 248 -5.79 -11.62 -15.32
CA PHE A 248 -4.59 -12.32 -15.72
C PHE A 248 -4.79 -13.16 -16.99
N SER A 249 -6.01 -13.25 -17.51
CA SER A 249 -6.25 -13.95 -18.77
C SER A 249 -6.14 -12.99 -19.95
#